data_3MTK
#
_entry.id   3MTK
#
_cell.length_a   51.546
_cell.length_b   60.946
_cell.length_c   56.173
_cell.angle_alpha   90.00
_cell.angle_beta   94.95
_cell.angle_gamma   90.00
#
_symmetry.space_group_name_H-M   'P 1 21 1'
#
loop_
_entity.id
_entity.type
_entity.pdbx_description
1 polymer 'Diguanylate cyclase/phosphodiesterase'
2 water water
#
_entity_poly.entity_id   1
_entity_poly.type   'polypeptide(L)'
_entity_poly.pdbx_seq_one_letter_code
;SKLEFLAFYDELTGLPNKNSLIRWLNLKVSQ(MSE)DCIDTYLIFLEVRDLEKLNVTYGYDLVDELIIHISKRIKDIAGE
GNKAFKIGFDRFAIICKSENISDFIER(MSE)LSQLLLPYNVNGNLIRVNFNIGAAQIENSNEAAANL(MSE)RRCDLAL
IKAKEEGLNEYVIFKPSIEIQTLEHHHHHH
;
_entity_poly.pdbx_strand_id   A,B
#
# COMPACT_ATOMS: atom_id res chain seq x y z
N LYS A 2 -2.11 -5.41 -21.50
CA LYS A 2 -1.65 -4.12 -22.10
C LYS A 2 -0.71 -3.41 -21.13
N LEU A 3 0.04 -2.44 -21.66
CA LEU A 3 1.00 -1.67 -20.87
C LEU A 3 0.32 -0.43 -20.28
N GLU A 4 -0.79 -0.02 -20.91
CA GLU A 4 -1.50 1.16 -20.45
C GLU A 4 -2.39 0.85 -19.25
N PHE A 5 -2.97 -0.35 -19.25
CA PHE A 5 -3.85 -0.80 -18.19
C PHE A 5 -3.03 -1.12 -16.95
N LEU A 6 -1.81 -1.57 -17.19
CA LEU A 6 -0.88 -1.92 -16.13
C LEU A 6 -0.36 -0.65 -15.49
N ALA A 7 -0.32 0.42 -16.27
CA ALA A 7 0.18 1.68 -15.78
C ALA A 7 -0.87 2.56 -15.12
N PHE A 8 -2.13 2.40 -15.53
CA PHE A 8 -3.18 3.24 -15.00
C PHE A 8 -4.32 2.64 -14.21
N TYR A 9 -4.50 1.33 -14.32
CA TYR A 9 -5.60 0.69 -13.61
C TYR A 9 -5.18 -0.40 -12.64
N ASP A 10 -6.11 -0.77 -11.77
CA ASP A 10 -5.85 -1.81 -10.77
C ASP A 10 -6.29 -3.17 -11.28
N GLU A 11 -5.35 -4.10 -11.32
CA GLU A 11 -5.59 -5.46 -11.79
C GLU A 11 -6.89 -6.06 -11.27
N LEU A 12 -6.93 -6.32 -9.96
CA LEU A 12 -8.09 -6.94 -9.31
C LEU A 12 -9.41 -6.17 -9.39
N THR A 13 -9.35 -4.86 -9.21
CA THR A 13 -10.57 -4.08 -9.21
C THR A 13 -11.00 -3.50 -10.54
N GLY A 14 -10.04 -3.15 -11.38
CA GLY A 14 -10.39 -2.56 -12.65
C GLY A 14 -10.52 -1.05 -12.48
N LEU A 15 -10.52 -0.61 -11.24
CA LEU A 15 -10.61 0.83 -10.99
C LEU A 15 -9.29 1.48 -11.37
N PRO A 16 -9.32 2.77 -11.71
CA PRO A 16 -8.06 3.43 -12.07
C PRO A 16 -7.21 3.47 -10.80
N ASN A 17 -5.88 3.41 -10.95
CA ASN A 17 -5.00 3.40 -9.78
C ASN A 17 -4.52 4.77 -9.32
N LYS A 18 -3.42 4.80 -8.55
CA LYS A 18 -2.91 6.07 -8.05
C LYS A 18 -2.31 6.98 -9.13
N ASN A 19 -1.79 6.40 -10.20
CA ASN A 19 -1.23 7.22 -11.28
C ASN A 19 -2.36 7.99 -11.96
N SER A 20 -3.46 7.29 -12.22
CA SER A 20 -4.63 7.89 -12.84
C SER A 20 -5.19 8.95 -11.92
N LEU A 21 -5.15 8.70 -10.62
CA LEU A 21 -5.64 9.67 -9.65
C LEU A 21 -4.82 10.96 -9.79
N ILE A 22 -3.52 10.80 -9.96
CA ILE A 22 -2.65 11.95 -10.08
C ILE A 22 -2.92 12.80 -11.34
N ARG A 23 -3.02 12.14 -12.50
CA ARG A 23 -3.32 12.88 -13.74
C ARG A 23 -4.60 13.68 -13.52
N TRP A 24 -5.68 12.99 -13.17
CA TRP A 24 -6.95 13.66 -12.96
C TRP A 24 -6.88 14.74 -11.90
N LEU A 25 -5.95 14.61 -10.95
CA LEU A 25 -5.82 15.63 -9.91
C LEU A 25 -5.21 16.90 -10.49
N ASN A 26 -4.11 16.75 -11.23
CA ASN A 26 -3.46 17.91 -11.85
C ASN A 26 -4.46 18.64 -12.74
N LEU A 27 -5.30 17.87 -13.43
CA LEU A 27 -6.29 18.45 -14.31
C LEU A 27 -7.25 19.30 -13.50
N LYS A 28 -7.91 18.65 -12.54
CA LYS A 28 -8.89 19.29 -11.67
C LYS A 28 -8.41 20.57 -11.01
N VAL A 29 -7.14 20.61 -10.61
CA VAL A 29 -6.59 21.78 -9.95
C VAL A 29 -6.31 22.96 -10.89
N SER A 30 -6.31 22.70 -12.19
CA SER A 30 -6.06 23.73 -13.20
C SER A 30 -7.24 24.70 -13.33
N GLN A 31 -8.45 24.15 -13.35
CA GLN A 31 -9.68 24.92 -13.52
C GLN A 31 -9.93 26.08 -12.57
N ASP A 33 -13.00 27.37 -10.70
CA ASP A 33 -13.57 26.99 -9.42
C ASP A 33 -13.87 25.51 -9.30
N CYS A 34 -13.19 24.88 -8.35
CA CYS A 34 -13.40 23.48 -8.07
C CYS A 34 -14.59 23.45 -7.13
N ILE A 35 -15.69 24.04 -7.61
CA ILE A 35 -16.95 24.15 -6.87
C ILE A 35 -17.11 23.09 -5.79
N ASP A 36 -16.44 23.33 -4.67
CA ASP A 36 -16.48 22.41 -3.56
C ASP A 36 -16.39 20.97 -4.07
N THR A 37 -15.20 20.65 -4.56
CA THR A 37 -14.88 19.33 -5.08
C THR A 37 -13.91 18.79 -4.06
N TYR A 38 -14.09 17.53 -3.66
CA TYR A 38 -13.21 16.98 -2.66
C TYR A 38 -12.48 15.69 -3.03
N LEU A 39 -11.32 15.50 -2.43
CA LEU A 39 -10.54 14.28 -2.61
C LEU A 39 -10.86 13.53 -1.33
N ILE A 40 -11.22 12.25 -1.46
CA ILE A 40 -11.54 11.44 -0.30
C ILE A 40 -10.76 10.14 -0.31
N PHE A 41 -10.20 9.81 0.85
CA PHE A 41 -9.42 8.59 1.04
C PHE A 41 -10.19 7.63 1.96
N LEU A 42 -10.49 6.44 1.46
CA LEU A 42 -11.19 5.46 2.29
C LEU A 42 -10.28 4.28 2.55
N GLU A 43 -10.15 3.90 3.81
CA GLU A 43 -9.30 2.78 4.16
C GLU A 43 -10.13 1.63 4.73
N VAL A 44 -9.91 0.44 4.20
CA VAL A 44 -10.61 -0.75 4.69
C VAL A 44 -9.81 -1.23 5.90
N ARG A 45 -10.42 -1.22 7.07
CA ARG A 45 -9.68 -1.63 8.28
C ARG A 45 -9.46 -3.13 8.45
N ASP A 46 -8.36 -3.47 9.12
CA ASP A 46 -7.99 -4.84 9.43
C ASP A 46 -8.14 -5.87 8.32
N LEU A 47 -7.77 -5.47 7.11
CA LEU A 47 -7.84 -6.32 5.94
C LEU A 47 -6.84 -7.49 6.05
N GLU A 48 -5.77 -7.32 6.82
CA GLU A 48 -4.78 -8.38 7.00
C GLU A 48 -5.35 -9.51 7.84
N LYS A 49 -6.00 -9.16 8.94
CA LYS A 49 -6.59 -10.16 9.81
C LYS A 49 -7.59 -10.98 9.01
N LEU A 50 -8.20 -10.34 8.02
CA LEU A 50 -9.18 -11.02 7.18
C LEU A 50 -8.52 -11.99 6.22
N ASN A 51 -7.34 -11.64 5.71
CA ASN A 51 -6.67 -12.56 4.80
C ASN A 51 -6.37 -13.83 5.57
N VAL A 52 -6.05 -13.64 6.84
CA VAL A 52 -5.76 -14.75 7.73
C VAL A 52 -7.01 -15.55 8.05
N THR A 53 -8.10 -14.85 8.37
CA THR A 53 -9.36 -15.51 8.73
C THR A 53 -10.11 -16.18 7.58
N TYR A 54 -10.18 -15.53 6.42
CA TYR A 54 -10.92 -16.09 5.30
C TYR A 54 -10.09 -16.57 4.11
N GLY A 55 -8.80 -16.29 4.11
CA GLY A 55 -7.97 -16.66 2.97
C GLY A 55 -7.93 -15.53 1.95
N TYR A 56 -6.83 -15.45 1.21
CA TYR A 56 -6.67 -14.38 0.20
C TYR A 56 -7.69 -14.36 -0.93
N ASP A 57 -8.13 -15.50 -1.41
CA ASP A 57 -9.08 -15.47 -2.50
C ASP A 57 -10.41 -14.85 -2.10
N LEU A 58 -10.89 -15.23 -0.93
CA LEU A 58 -12.13 -14.69 -0.44
C LEU A 58 -12.00 -13.17 -0.33
N VAL A 59 -10.91 -12.71 0.30
CA VAL A 59 -10.68 -11.29 0.51
C VAL A 59 -10.52 -10.46 -0.76
N ASP A 60 -9.99 -11.07 -1.81
CA ASP A 60 -9.86 -10.32 -3.06
C ASP A 60 -11.27 -10.12 -3.63
N GLU A 61 -12.14 -11.09 -3.38
CA GLU A 61 -13.52 -11.01 -3.84
C GLU A 61 -14.21 -9.89 -3.06
N LEU A 62 -13.93 -9.84 -1.76
CA LEU A 62 -14.47 -8.82 -0.88
C LEU A 62 -14.09 -7.43 -1.40
N ILE A 63 -12.81 -7.26 -1.74
CA ILE A 63 -12.30 -5.99 -2.25
C ILE A 63 -13.08 -5.60 -3.50
N ILE A 64 -13.31 -6.56 -4.39
CA ILE A 64 -14.07 -6.25 -5.60
C ILE A 64 -15.43 -5.76 -5.15
N HIS A 65 -16.11 -6.55 -4.31
CA HIS A 65 -17.42 -6.15 -3.80
C HIS A 65 -17.35 -4.71 -3.28
N ILE A 66 -16.34 -4.43 -2.46
CA ILE A 66 -16.20 -3.08 -1.92
C ILE A 66 -16.06 -2.05 -3.02
N SER A 67 -15.18 -2.30 -3.98
CA SER A 67 -14.97 -1.33 -5.05
C SER A 67 -16.27 -1.01 -5.78
N LYS A 68 -17.08 -2.04 -6.05
CA LYS A 68 -18.32 -1.82 -6.76
C LYS A 68 -19.31 -0.99 -5.97
N ARG A 69 -19.39 -1.23 -4.67
CA ARG A 69 -20.30 -0.45 -3.83
C ARG A 69 -19.82 1.01 -3.84
N ILE A 70 -18.52 1.21 -3.69
CA ILE A 70 -17.97 2.57 -3.69
C ILE A 70 -18.32 3.19 -5.04
N LYS A 71 -18.01 2.44 -6.10
CA LYS A 71 -18.29 2.91 -7.44
C LYS A 71 -19.79 3.25 -7.56
N ASP A 72 -20.63 2.45 -6.91
CA ASP A 72 -22.07 2.64 -6.98
C ASP A 72 -22.61 3.88 -6.25
N ILE A 73 -22.33 4.02 -4.96
CA ILE A 73 -22.85 5.18 -4.26
C ILE A 73 -22.08 6.43 -4.65
N ALA A 74 -20.95 6.24 -5.32
CA ALA A 74 -20.15 7.38 -5.75
C ALA A 74 -20.93 8.16 -6.81
N GLY A 75 -21.21 7.49 -7.94
CA GLY A 75 -21.93 8.14 -9.01
C GLY A 75 -21.08 8.13 -10.26
N GLU A 76 -21.64 8.58 -11.38
CA GLU A 76 -20.89 8.61 -12.63
C GLU A 76 -20.14 9.92 -12.78
N GLY A 77 -20.70 11.00 -12.23
CA GLY A 77 -20.06 12.30 -12.30
C GLY A 77 -18.87 12.40 -11.38
N ASN A 78 -18.67 11.37 -10.55
CA ASN A 78 -17.56 11.31 -9.62
C ASN A 78 -16.65 10.14 -10.00
N LYS A 79 -15.38 10.23 -9.62
CA LYS A 79 -14.41 9.19 -9.93
C LYS A 79 -13.98 8.39 -8.71
N ALA A 80 -13.75 7.10 -8.92
CA ALA A 80 -13.34 6.20 -7.85
C ALA A 80 -12.04 5.52 -8.28
N PHE A 81 -11.08 5.43 -7.36
CA PHE A 81 -9.79 4.81 -7.66
C PHE A 81 -9.33 3.84 -6.59
N LYS A 82 -8.47 2.90 -7.00
CA LYS A 82 -7.90 1.94 -6.06
C LYS A 82 -6.43 2.32 -6.01
N ILE A 83 -6.00 2.93 -4.91
CA ILE A 83 -4.63 3.38 -4.79
C ILE A 83 -3.73 2.63 -3.82
N GLY A 84 -4.29 1.68 -3.11
CA GLY A 84 -3.48 0.91 -2.17
C GLY A 84 -4.16 -0.42 -1.94
N PHE A 85 -3.44 -1.37 -1.39
CA PHE A 85 -3.98 -2.69 -1.11
C PHE A 85 -5.32 -2.60 -0.39
N ASP A 86 -5.39 -1.70 0.60
CA ASP A 86 -6.61 -1.52 1.40
C ASP A 86 -7.17 -0.11 1.34
N ARG A 87 -6.85 0.65 0.30
CA ARG A 87 -7.31 2.01 0.25
C ARG A 87 -7.87 2.47 -1.08
N PHE A 88 -8.97 3.21 -1.01
CA PHE A 88 -9.63 3.74 -2.20
C PHE A 88 -9.64 5.25 -2.15
N ALA A 89 -9.83 5.88 -3.30
CA ALA A 89 -9.87 7.34 -3.42
C ALA A 89 -11.05 7.79 -4.27
N ILE A 90 -11.63 8.93 -3.93
CA ILE A 90 -12.75 9.46 -4.69
C ILE A 90 -12.55 10.94 -4.98
N ILE A 91 -12.96 11.35 -6.18
CA ILE A 91 -12.92 12.75 -6.56
C ILE A 91 -14.39 13.05 -6.63
N CYS A 92 -14.88 14.02 -5.88
CA CYS A 92 -16.30 14.34 -5.94
C CYS A 92 -16.63 15.79 -5.70
N LYS A 93 -17.61 16.28 -6.44
CA LYS A 93 -18.08 17.65 -6.31
C LYS A 93 -19.32 17.51 -5.45
N SER A 94 -19.38 18.25 -4.34
CA SER A 94 -20.54 18.15 -3.46
C SER A 94 -20.75 19.36 -2.56
N GLU A 95 -21.97 19.87 -2.57
CA GLU A 95 -22.33 21.02 -1.76
C GLU A 95 -22.22 20.64 -0.29
N ASN A 96 -22.66 19.43 0.03
CA ASN A 96 -22.58 18.91 1.40
C ASN A 96 -21.79 17.60 1.34
N ILE A 97 -20.49 17.69 1.59
CA ILE A 97 -19.63 16.52 1.52
C ILE A 97 -19.66 15.62 2.75
N SER A 98 -19.95 16.17 3.93
CA SER A 98 -20.02 15.35 5.13
C SER A 98 -21.14 14.32 4.99
N ASP A 99 -22.33 14.78 4.66
CA ASP A 99 -23.47 13.89 4.48
C ASP A 99 -23.17 12.85 3.41
N PHE A 100 -22.43 13.29 2.38
CA PHE A 100 -22.05 12.40 1.28
C PHE A 100 -21.19 11.28 1.86
N ILE A 101 -20.27 11.66 2.72
CA ILE A 101 -19.36 10.73 3.38
C ILE A 101 -20.11 9.74 4.26
N GLU A 102 -21.01 10.26 5.09
CA GLU A 102 -21.79 9.43 5.99
C GLU A 102 -22.72 8.49 5.25
N ARG A 103 -23.40 9.02 4.24
CA ARG A 103 -24.32 8.22 3.45
C ARG A 103 -23.55 7.00 2.99
N LEU A 105 -20.60 5.84 4.00
CA LEU A 105 -20.05 5.06 5.08
C LEU A 105 -21.11 4.13 5.65
N SER A 106 -22.31 4.66 5.89
CA SER A 106 -23.41 3.87 6.42
C SER A 106 -23.68 2.68 5.50
N GLN A 107 -23.54 2.91 4.20
CA GLN A 107 -23.75 1.85 3.22
C GLN A 107 -22.56 0.88 3.17
N LEU A 108 -21.35 1.41 3.24
CA LEU A 108 -20.16 0.57 3.22
C LEU A 108 -20.16 -0.36 4.44
N LEU A 109 -20.76 0.14 5.51
CA LEU A 109 -20.83 -0.61 6.76
C LEU A 109 -21.80 -1.77 6.64
N LEU A 110 -22.59 -1.79 5.57
CA LEU A 110 -23.56 -2.85 5.34
C LEU A 110 -22.84 -4.15 4.95
N PRO A 111 -23.33 -5.29 5.41
CA PRO A 111 -22.73 -6.60 5.11
C PRO A 111 -22.45 -6.88 3.65
N TYR A 112 -21.53 -7.81 3.40
CA TYR A 112 -21.18 -8.22 2.05
C TYR A 112 -21.39 -9.73 1.98
N ASN A 113 -22.14 -10.16 0.97
CA ASN A 113 -22.41 -11.58 0.80
C ASN A 113 -21.41 -12.04 -0.23
N VAL A 114 -20.24 -12.45 0.25
CA VAL A 114 -19.19 -12.92 -0.63
C VAL A 114 -19.16 -14.44 -0.62
N ASN A 115 -19.65 -15.03 -1.71
CA ASN A 115 -19.69 -16.48 -1.83
C ASN A 115 -20.32 -17.10 -0.59
N GLY A 116 -21.54 -16.68 -0.28
CA GLY A 116 -22.23 -17.21 0.89
C GLY A 116 -21.69 -16.72 2.22
N ASN A 117 -20.48 -16.16 2.19
CA ASN A 117 -19.86 -15.62 3.40
C ASN A 117 -20.38 -14.23 3.71
N LEU A 118 -21.09 -14.09 4.82
CA LEU A 118 -21.62 -12.79 5.23
C LEU A 118 -20.48 -12.07 5.93
N ILE A 119 -20.00 -10.99 5.33
CA ILE A 119 -18.88 -10.26 5.90
C ILE A 119 -19.12 -8.79 6.17
N ARG A 120 -18.66 -8.36 7.33
CA ARG A 120 -18.78 -6.98 7.76
C ARG A 120 -17.37 -6.45 7.99
N VAL A 121 -17.08 -5.27 7.46
CA VAL A 121 -15.78 -4.66 7.61
C VAL A 121 -15.92 -3.24 8.11
N ASN A 122 -14.82 -2.71 8.64
CA ASN A 122 -14.78 -1.35 9.15
C ASN A 122 -13.95 -0.50 8.22
N PHE A 123 -14.16 0.81 8.28
CA PHE A 123 -13.46 1.75 7.43
C PHE A 123 -13.10 3.00 8.20
N ASN A 124 -12.42 3.91 7.50
CA ASN A 124 -12.04 5.21 8.01
C ASN A 124 -11.91 6.08 6.77
N ILE A 125 -12.25 7.35 6.91
CA ILE A 125 -12.22 8.25 5.78
C ILE A 125 -11.54 9.57 6.03
N GLY A 126 -10.64 9.93 5.11
CA GLY A 126 -9.92 11.18 5.20
C GLY A 126 -10.29 11.95 3.94
N ALA A 127 -10.71 13.20 4.09
CA ALA A 127 -11.10 13.99 2.92
C ALA A 127 -10.45 15.37 2.89
N ALA A 128 -10.33 15.94 1.71
CA ALA A 128 -9.72 17.27 1.59
C ALA A 128 -10.27 18.10 0.42
N GLN A 129 -10.56 19.36 0.70
CA GLN A 129 -11.08 20.31 -0.28
C GLN A 129 -10.03 20.48 -1.39
N ILE A 130 -10.38 20.09 -2.61
CA ILE A 130 -9.45 20.24 -3.73
C ILE A 130 -9.22 21.73 -4.00
N GLU A 131 -7.96 22.12 -4.12
CA GLU A 131 -7.63 23.51 -4.38
C GLU A 131 -6.11 23.68 -4.50
N ALA A 136 1.44 20.13 -5.52
CA ALA A 136 0.34 19.99 -6.47
C ALA A 136 -0.56 18.80 -6.10
N ALA A 137 -0.47 17.75 -6.90
CA ALA A 137 -1.26 16.55 -6.66
C ALA A 137 -0.78 15.92 -5.35
N ALA A 138 0.54 15.78 -5.25
CA ALA A 138 1.17 15.20 -4.06
C ALA A 138 0.72 15.84 -2.76
N ASN A 139 0.75 17.17 -2.69
CA ASN A 139 0.35 17.88 -1.49
C ASN A 139 -1.10 17.62 -1.05
N LEU A 140 -1.98 17.44 -2.03
CA LEU A 140 -3.39 17.16 -1.74
C LEU A 140 -3.53 15.75 -1.19
N ARG A 142 -1.28 14.15 0.19
CA ARG A 142 -0.63 14.14 1.50
C ARG A 142 -1.67 14.64 2.50
N ARG A 143 -2.35 15.71 2.16
CA ARG A 143 -3.36 16.26 3.06
C ARG A 143 -4.45 15.26 3.41
N CYS A 144 -4.88 14.47 2.43
CA CYS A 144 -5.91 13.48 2.66
C CYS A 144 -5.38 12.42 3.59
N ASP A 145 -4.14 12.05 3.34
CA ASP A 145 -3.48 11.04 4.12
C ASP A 145 -3.49 11.43 5.60
N LEU A 146 -3.20 12.69 5.89
CA LEU A 146 -3.17 13.18 7.28
C LEU A 146 -4.54 13.04 7.93
N ALA A 147 -5.57 13.42 7.19
CA ALA A 147 -6.93 13.34 7.67
C ALA A 147 -7.29 11.89 8.02
N LEU A 148 -6.85 10.96 7.18
CA LEU A 148 -7.13 9.56 7.40
C LEU A 148 -6.47 9.11 8.71
N ILE A 149 -5.23 9.57 8.92
CA ILE A 149 -4.51 9.25 10.13
C ILE A 149 -5.29 9.79 11.34
N LYS A 150 -5.69 11.06 11.26
CA LYS A 150 -6.43 11.69 12.35
C LYS A 150 -7.73 10.94 12.63
N ALA A 151 -8.32 10.38 11.58
CA ALA A 151 -9.58 9.65 11.70
C ALA A 151 -9.40 8.32 12.42
N LYS A 152 -8.30 7.64 12.14
CA LYS A 152 -8.07 6.35 12.77
C LYS A 152 -7.74 6.51 14.25
N GLU A 153 -7.13 7.63 14.62
CA GLU A 153 -6.80 7.87 16.03
C GLU A 153 -8.14 8.05 16.74
N GLU A 154 -9.07 8.69 16.05
CA GLU A 154 -10.39 8.96 16.58
C GLU A 154 -11.14 7.64 16.78
N GLY A 155 -10.83 6.65 15.97
CA GLY A 155 -11.49 5.36 16.10
C GLY A 155 -11.99 4.81 14.78
N LEU A 156 -12.52 3.59 14.81
CA LEU A 156 -13.04 2.94 13.62
C LEU A 156 -14.27 3.67 13.10
N ASN A 157 -14.45 3.66 11.79
CA ASN A 157 -15.60 4.27 11.15
C ASN A 157 -15.77 5.75 11.46
N GLU A 158 -14.66 6.47 11.55
CA GLU A 158 -14.71 7.89 11.82
C GLU A 158 -14.08 8.54 10.60
N TYR A 159 -14.44 9.80 10.34
CA TYR A 159 -13.90 10.51 9.18
C TYR A 159 -13.48 11.94 9.54
N VAL A 160 -12.52 12.47 8.79
CA VAL A 160 -12.03 13.82 8.99
C VAL A 160 -11.90 14.56 7.64
N ILE A 161 -12.36 15.80 7.61
CA ILE A 161 -12.29 16.61 6.38
C ILE A 161 -11.44 17.86 6.59
N PHE A 162 -10.38 17.99 5.81
CA PHE A 162 -9.48 19.15 5.92
C PHE A 162 -9.82 20.28 4.95
N LYS A 163 -9.98 21.49 5.48
CA LYS A 163 -10.30 22.68 4.70
C LYS A 163 -9.23 23.73 4.93
N PRO A 164 -8.89 24.52 3.88
CA PRO A 164 -7.87 25.57 3.98
C PRO A 164 -8.12 26.56 5.13
N ILE A 166 -4.24 24.39 6.92
CA ILE A 166 -5.62 23.93 6.89
C ILE A 166 -6.19 23.77 8.30
N GLU A 167 -7.48 23.49 8.38
CA GLU A 167 -8.13 23.32 9.67
C GLU A 167 -9.00 22.05 9.68
N ILE A 168 -9.09 21.43 10.85
CA ILE A 168 -9.86 20.21 11.00
C ILE A 168 -11.35 20.50 10.86
N GLN A 169 -12.07 19.63 10.16
CA GLN A 169 -13.50 19.80 9.97
C GLN A 169 -14.19 18.45 10.19
N LYS B 2 7.46 8.34 -19.81
CA LYS B 2 7.42 6.96 -20.36
C LYS B 2 6.24 6.21 -19.75
N LEU B 3 5.65 5.35 -20.57
CA LEU B 3 4.50 4.57 -20.16
C LEU B 3 4.95 3.31 -19.44
N GLU B 4 6.03 2.73 -19.95
CA GLU B 4 6.60 1.51 -19.41
C GLU B 4 7.17 1.77 -18.02
N PHE B 5 7.57 3.01 -17.78
CA PHE B 5 8.15 3.38 -16.50
C PHE B 5 7.09 3.49 -15.40
N LEU B 6 5.88 3.87 -15.80
CA LEU B 6 4.78 3.99 -14.85
C LEU B 6 4.15 2.63 -14.59
N ALA B 7 4.37 1.70 -15.51
CA ALA B 7 3.80 0.38 -15.39
C ALA B 7 4.64 -0.55 -14.53
N PHE B 8 5.96 -0.45 -14.69
CA PHE B 8 6.90 -1.32 -13.98
C PHE B 8 7.90 -0.66 -13.03
N TYR B 9 7.76 0.62 -12.76
CA TYR B 9 8.73 1.26 -11.89
C TYR B 9 8.14 2.21 -10.87
N ASP B 10 8.77 2.25 -9.71
CA ASP B 10 8.34 3.14 -8.65
C ASP B 10 9.08 4.45 -8.83
N GLU B 11 8.32 5.54 -8.92
CA GLU B 11 8.91 6.85 -9.15
C GLU B 11 9.87 7.35 -8.06
N LEU B 12 9.37 7.57 -6.85
CA LEU B 12 10.20 8.07 -5.77
C LEU B 12 11.53 7.33 -5.63
N THR B 13 11.48 6.01 -5.72
CA THR B 13 12.65 5.20 -5.52
C THR B 13 13.41 4.73 -6.78
N GLY B 14 12.73 4.71 -7.92
CA GLY B 14 13.38 4.27 -9.14
C GLY B 14 13.49 2.75 -9.28
N LEU B 15 13.07 2.03 -8.25
CA LEU B 15 13.12 0.58 -8.26
C LEU B 15 11.99 -0.06 -9.04
N PRO B 16 12.18 -1.29 -9.53
CA PRO B 16 11.14 -2.00 -10.29
C PRO B 16 9.95 -2.15 -9.31
N ASN B 17 8.72 -1.99 -9.80
CA ASN B 17 7.57 -2.09 -8.93
C ASN B 17 6.99 -3.49 -8.81
N LYS B 18 5.81 -3.57 -8.21
CA LYS B 18 5.15 -4.85 -7.99
C LYS B 18 4.84 -5.58 -9.30
N ASN B 19 4.59 -4.81 -10.36
CA ASN B 19 4.26 -5.40 -11.65
C ASN B 19 5.48 -6.10 -12.21
N SER B 20 6.64 -5.51 -11.95
CA SER B 20 7.91 -6.07 -12.40
C SER B 20 8.19 -7.33 -11.59
N LEU B 21 7.93 -7.26 -10.29
CA LEU B 21 8.15 -8.42 -9.44
C LEU B 21 7.29 -9.58 -9.90
N ILE B 22 6.04 -9.29 -10.24
CA ILE B 22 5.12 -10.33 -10.70
C ILE B 22 5.59 -10.87 -12.05
N ARG B 23 6.00 -9.96 -12.93
CA ARG B 23 6.48 -10.34 -14.24
C ARG B 23 7.73 -11.19 -14.15
N TRP B 24 8.71 -10.71 -13.37
CA TRP B 24 9.97 -11.43 -13.18
C TRP B 24 9.75 -12.81 -12.53
N LEU B 25 8.92 -12.87 -11.50
CA LEU B 25 8.67 -14.14 -10.84
C LEU B 25 8.05 -15.15 -11.82
N ASN B 26 6.97 -14.78 -12.48
CA ASN B 26 6.31 -15.69 -13.42
C ASN B 26 7.22 -16.10 -14.57
N LEU B 27 8.41 -15.53 -14.63
CA LEU B 27 9.33 -15.85 -15.71
C LEU B 27 10.48 -16.73 -15.25
N LYS B 28 11.37 -16.15 -14.44
CA LYS B 28 12.51 -16.89 -13.95
C LYS B 28 12.21 -18.11 -13.09
N VAL B 29 11.04 -18.14 -12.45
CA VAL B 29 10.70 -19.30 -11.62
C VAL B 29 10.69 -20.56 -12.47
N SER B 30 10.55 -20.40 -13.78
CA SER B 30 10.56 -21.54 -14.69
C SER B 30 12.00 -22.03 -14.78
N GLN B 31 12.94 -21.09 -14.71
CA GLN B 31 14.37 -21.38 -14.79
C GLN B 31 15.13 -20.80 -13.59
N ASP B 33 16.27 -19.31 -8.88
CA ASP B 33 15.10 -19.54 -8.04
C ASP B 33 14.68 -21.01 -8.04
N CYS B 34 15.58 -21.86 -7.54
CA CYS B 34 15.31 -23.29 -7.47
C CYS B 34 16.27 -23.91 -6.46
N ILE B 35 17.29 -23.17 -6.07
CA ILE B 35 18.28 -23.65 -5.12
C ILE B 35 18.68 -22.56 -4.12
N ASP B 36 18.27 -22.73 -2.87
CA ASP B 36 18.57 -21.76 -1.81
C ASP B 36 18.16 -20.35 -2.21
N THR B 37 17.02 -20.26 -2.88
CA THR B 37 16.52 -18.97 -3.33
C THR B 37 15.25 -18.58 -2.59
N TYR B 38 15.17 -17.31 -2.16
CA TYR B 38 14.02 -16.84 -1.42
C TYR B 38 13.49 -15.48 -1.82
N LEU B 39 12.20 -15.27 -1.60
CA LEU B 39 11.54 -13.98 -1.85
C LEU B 39 11.37 -13.37 -0.45
N ILE B 40 11.85 -12.14 -0.29
CA ILE B 40 11.78 -11.47 1.00
C ILE B 40 10.95 -10.19 0.93
N PHE B 41 9.94 -10.11 1.80
CA PHE B 41 9.09 -8.92 1.90
C PHE B 41 9.61 -8.15 3.08
N LEU B 42 9.81 -6.85 2.89
CA LEU B 42 10.33 -6.03 3.95
C LEU B 42 9.41 -4.85 4.15
N GLU B 43 8.88 -4.70 5.36
CA GLU B 43 7.98 -3.61 5.63
C GLU B 43 8.62 -2.60 6.56
N VAL B 44 8.42 -1.32 6.25
CA VAL B 44 8.93 -0.25 7.07
C VAL B 44 7.79 0.07 8.03
N ARG B 45 8.03 -0.01 9.33
CA ARG B 45 6.99 0.24 10.32
C ARG B 45 6.78 1.70 10.70
N ASP B 46 5.55 2.01 11.08
CA ASP B 46 5.14 3.33 11.55
C ASP B 46 5.51 4.54 10.70
N LEU B 47 5.38 4.41 9.39
CA LEU B 47 5.67 5.50 8.47
C LEU B 47 4.63 6.61 8.73
N GLU B 48 3.44 6.25 9.20
CA GLU B 48 2.41 7.25 9.49
C GLU B 48 2.87 8.20 10.60
N LYS B 49 3.45 7.63 11.64
CA LYS B 49 3.94 8.42 12.75
C LYS B 49 5.12 9.24 12.24
N LEU B 50 5.95 8.65 11.41
CA LEU B 50 7.08 9.39 10.88
C LEU B 50 6.57 10.60 10.08
N ASN B 51 5.62 10.37 9.19
CA ASN B 51 5.07 11.45 8.37
C ASN B 51 4.47 12.60 9.19
N VAL B 52 3.80 12.25 10.27
CA VAL B 52 3.18 13.21 11.17
C VAL B 52 4.27 14.02 11.88
N THR B 53 5.31 13.33 12.30
CA THR B 53 6.42 13.94 13.01
C THR B 53 7.37 14.76 12.14
N TYR B 54 8.00 14.11 11.17
CA TYR B 54 8.95 14.79 10.32
C TYR B 54 8.39 15.48 9.08
N GLY B 55 7.15 15.19 8.72
CA GLY B 55 6.59 15.80 7.52
C GLY B 55 6.82 14.85 6.37
N TYR B 56 6.05 14.96 5.30
CA TYR B 56 6.17 14.03 4.18
C TYR B 56 7.44 14.12 3.37
N ASP B 57 7.87 15.34 3.05
CA ASP B 57 9.08 15.48 2.25
C ASP B 57 10.26 14.74 2.89
N LEU B 58 10.42 14.88 4.21
CA LEU B 58 11.53 14.23 4.89
C LEU B 58 11.42 12.71 4.82
N VAL B 59 10.21 12.19 5.02
CA VAL B 59 10.00 10.74 4.97
C VAL B 59 10.25 10.21 3.56
N ASP B 60 9.93 11.01 2.54
CA ASP B 60 10.19 10.59 1.16
C ASP B 60 11.70 10.30 1.04
N GLU B 61 12.54 11.21 1.49
CA GLU B 61 13.99 11.02 1.45
C GLU B 61 14.38 9.81 2.26
N LEU B 62 13.74 9.66 3.41
CA LEU B 62 14.00 8.52 4.28
C LEU B 62 13.84 7.27 3.44
N ILE B 63 12.69 7.15 2.77
CA ILE B 63 12.41 5.99 1.93
C ILE B 63 13.53 5.76 0.92
N ILE B 64 14.01 6.84 0.31
CA ILE B 64 15.08 6.74 -0.66
C ILE B 64 16.31 6.20 0.03
N HIS B 65 16.65 6.76 1.19
CA HIS B 65 17.79 6.26 1.94
C HIS B 65 17.58 4.77 2.23
N ILE B 66 16.39 4.41 2.69
CA ILE B 66 16.13 3.01 2.99
C ILE B 66 16.30 2.12 1.78
N SER B 67 15.79 2.55 0.62
CA SER B 67 15.93 1.73 -0.57
C SER B 67 17.39 1.56 -1.01
N LYS B 68 18.22 2.59 -0.79
CA LYS B 68 19.63 2.48 -1.17
C LYS B 68 20.32 1.47 -0.28
N ARG B 69 20.02 1.49 1.00
CA ARG B 69 20.64 0.53 1.90
C ARG B 69 20.18 -0.86 1.43
N ILE B 70 18.87 -1.00 1.21
CA ILE B 70 18.31 -2.25 0.75
C ILE B 70 18.90 -2.64 -0.60
N LYS B 71 19.16 -1.66 -1.45
CA LYS B 71 19.72 -1.96 -2.76
C LYS B 71 21.17 -2.38 -2.54
N ASP B 72 21.74 -1.91 -1.44
CA ASP B 72 23.11 -2.24 -1.07
C ASP B 72 23.17 -3.68 -0.56
N ILE B 73 22.22 -4.06 0.29
CA ILE B 73 22.20 -5.42 0.84
C ILE B 73 21.81 -6.44 -0.22
N ALA B 74 20.84 -6.08 -1.07
CA ALA B 74 20.41 -6.99 -2.12
C ALA B 74 21.45 -7.05 -3.22
N GLY B 75 22.27 -6.01 -3.30
CA GLY B 75 23.30 -5.97 -4.33
C GLY B 75 22.70 -5.91 -5.72
N GLU B 76 23.48 -6.30 -6.72
CA GLU B 76 23.02 -6.30 -8.10
C GLU B 76 22.81 -7.74 -8.55
N GLY B 77 23.29 -8.67 -7.73
CA GLY B 77 23.15 -10.09 -8.03
C GLY B 77 21.75 -10.54 -7.65
N ASN B 78 21.18 -9.82 -6.70
CA ASN B 78 19.82 -10.06 -6.23
C ASN B 78 19.03 -8.85 -6.69
N LYS B 79 17.72 -9.00 -6.82
CA LYS B 79 16.89 -7.90 -7.28
C LYS B 79 16.11 -7.25 -6.12
N ALA B 80 15.98 -5.92 -6.20
CA ALA B 80 15.27 -5.15 -5.19
C ALA B 80 14.05 -4.51 -5.84
N PHE B 81 12.89 -4.64 -5.19
CA PHE B 81 11.66 -4.06 -5.71
C PHE B 81 10.93 -3.28 -4.63
N LYS B 82 10.22 -2.23 -5.05
CA LYS B 82 9.44 -1.39 -4.17
C LYS B 82 8.02 -1.79 -4.57
N ILE B 83 7.36 -2.59 -3.73
CA ILE B 83 6.04 -3.11 -4.04
C ILE B 83 4.87 -2.46 -3.34
N GLY B 84 5.16 -1.54 -2.43
CA GLY B 84 4.09 -0.87 -1.73
C GLY B 84 4.63 0.42 -1.18
N PHE B 85 3.75 1.21 -0.55
CA PHE B 85 4.18 2.47 0.01
C PHE B 85 5.25 2.27 1.09
N ASP B 86 5.12 1.20 1.87
CA ASP B 86 6.07 0.94 2.93
C ASP B 86 6.62 -0.46 2.84
N ARG B 87 6.58 -1.03 1.65
CA ARG B 87 7.03 -2.39 1.45
C ARG B 87 8.00 -2.56 0.28
N PHE B 88 9.08 -3.29 0.55
CA PHE B 88 10.12 -3.57 -0.43
C PHE B 88 10.16 -5.07 -0.62
N ALA B 89 10.74 -5.52 -1.72
CA ALA B 89 10.87 -6.94 -1.94
C ALA B 89 12.27 -7.21 -2.47
N ILE B 90 12.80 -8.38 -2.14
CA ILE B 90 14.12 -8.77 -2.56
C ILE B 90 14.15 -10.25 -2.86
N ILE B 91 14.91 -10.61 -3.87
CA ILE B 91 15.05 -12.00 -4.21
C ILE B 91 16.49 -12.27 -3.87
N CYS B 92 16.78 -13.43 -3.30
CA CYS B 92 18.15 -13.74 -2.93
C CYS B 92 18.44 -15.23 -2.82
N LYS B 93 19.70 -15.60 -3.02
CA LYS B 93 20.12 -16.98 -2.93
C LYS B 93 21.01 -17.07 -1.70
N SER B 94 20.74 -18.01 -0.81
CA SER B 94 21.55 -18.12 0.39
C SER B 94 21.50 -19.49 1.02
N GLU B 95 22.66 -19.99 1.42
CA GLU B 95 22.75 -21.30 2.05
C GLU B 95 22.54 -21.16 3.55
N ASN B 96 22.01 -20.00 3.95
CA ASN B 96 21.73 -19.69 5.36
C ASN B 96 20.94 -18.37 5.43
N ILE B 97 19.69 -18.45 4.97
CA ILE B 97 18.78 -17.30 4.90
C ILE B 97 18.53 -16.55 6.22
N SER B 98 18.33 -17.28 7.31
CA SER B 98 18.08 -16.64 8.58
C SER B 98 19.24 -15.71 8.93
N ASP B 99 20.45 -16.15 8.61
CA ASP B 99 21.61 -15.32 8.91
C ASP B 99 21.58 -14.10 7.99
N PHE B 100 21.25 -14.34 6.73
CA PHE B 100 21.16 -13.26 5.79
C PHE B 100 20.19 -12.22 6.34
N ILE B 101 18.96 -12.65 6.59
CA ILE B 101 17.95 -11.73 7.09
C ILE B 101 18.39 -11.02 8.37
N GLU B 102 19.03 -11.76 9.28
CA GLU B 102 19.52 -11.17 10.52
C GLU B 102 20.56 -10.10 10.21
N ARG B 103 21.51 -10.43 9.36
CA ARG B 103 22.53 -9.46 9.00
C ARG B 103 21.84 -8.30 8.29
N LEU B 105 18.63 -7.16 8.97
CA LEU B 105 17.95 -6.32 9.96
C LEU B 105 18.93 -5.40 10.68
N SER B 106 20.08 -5.94 11.08
CA SER B 106 21.07 -5.12 11.79
C SER B 106 21.51 -3.95 10.94
N GLN B 107 21.63 -4.15 9.63
CA GLN B 107 22.02 -3.07 8.72
C GLN B 107 20.90 -2.03 8.57
N LEU B 108 19.65 -2.50 8.51
CA LEU B 108 18.51 -1.61 8.33
C LEU B 108 18.14 -0.84 9.59
N LEU B 109 18.30 -1.50 10.74
CA LEU B 109 17.98 -0.87 12.02
C LEU B 109 18.89 0.32 12.33
N LEU B 110 20.10 0.30 11.80
CA LEU B 110 21.02 1.41 12.03
C LEU B 110 20.38 2.73 11.60
N PRO B 111 20.42 3.75 12.48
CA PRO B 111 19.84 5.07 12.24
C PRO B 111 20.11 5.59 10.83
N TYR B 112 19.32 6.60 10.44
CA TYR B 112 19.43 7.23 9.14
C TYR B 112 19.69 8.70 9.37
N ASN B 113 20.47 9.29 8.47
CA ASN B 113 20.77 10.71 8.56
C ASN B 113 20.10 11.38 7.38
N VAL B 114 18.92 11.92 7.63
CA VAL B 114 18.14 12.60 6.61
C VAL B 114 18.15 14.06 6.95
N ASN B 115 18.99 14.83 6.26
CA ASN B 115 19.12 16.26 6.50
C ASN B 115 19.55 16.52 7.95
N GLY B 116 20.64 15.87 8.37
CA GLY B 116 21.13 16.06 9.73
C GLY B 116 20.21 15.51 10.80
N ASN B 117 19.01 15.08 10.39
CA ASN B 117 18.05 14.51 11.32
C ASN B 117 18.43 13.06 11.50
N LEU B 118 18.57 12.61 12.74
CA LEU B 118 18.93 11.22 12.97
C LEU B 118 17.62 10.50 13.19
N ILE B 119 17.28 9.59 12.28
CA ILE B 119 16.01 8.87 12.36
C ILE B 119 16.07 7.36 12.56
N ARG B 120 15.53 6.91 13.68
CA ARG B 120 15.48 5.48 14.01
C ARG B 120 14.17 4.91 13.47
N VAL B 121 14.24 3.79 12.74
CA VAL B 121 13.04 3.18 12.20
C VAL B 121 13.07 1.65 12.32
N ASN B 122 11.91 1.07 12.54
CA ASN B 122 11.79 -0.36 12.70
C ASN B 122 11.19 -1.03 11.49
N PHE B 123 11.42 -2.34 11.37
CA PHE B 123 10.94 -3.10 10.23
C PHE B 123 10.38 -4.46 10.67
N ASN B 124 9.96 -5.23 9.67
CA ASN B 124 9.48 -6.58 9.88
C ASN B 124 9.73 -7.26 8.55
N ILE B 125 10.03 -8.54 8.59
CA ILE B 125 10.33 -9.26 7.38
C ILE B 125 9.54 -10.57 7.30
N GLY B 126 9.09 -10.90 6.10
CA GLY B 126 8.37 -12.13 5.87
C GLY B 126 9.08 -12.74 4.67
N ALA B 127 9.52 -13.99 4.77
CA ALA B 127 10.22 -14.64 3.66
C ALA B 127 9.62 -15.99 3.29
N ALA B 128 9.83 -16.41 2.04
CA ALA B 128 9.30 -17.68 1.58
C ALA B 128 10.24 -18.29 0.53
N GLN B 129 10.50 -19.58 0.68
CA GLN B 129 11.37 -20.29 -0.23
C GLN B 129 10.64 -20.47 -1.57
N ILE B 130 11.21 -19.88 -2.61
CA ILE B 130 10.62 -19.93 -3.95
C ILE B 130 10.32 -21.34 -4.44
N GLU B 131 9.07 -21.76 -4.20
CA GLU B 131 8.59 -23.08 -4.59
C GLU B 131 7.19 -22.97 -5.19
N ALA B 136 1.76 -18.37 -10.70
CA ALA B 136 2.43 -18.95 -9.53
C ALA B 136 3.02 -17.83 -8.68
N ALA B 137 3.26 -16.68 -9.29
CA ALA B 137 3.79 -15.54 -8.56
C ALA B 137 2.82 -15.16 -7.44
N ALA B 138 1.53 -15.17 -7.76
CA ALA B 138 0.47 -14.81 -6.81
C ALA B 138 0.61 -15.58 -5.50
N ASN B 139 0.67 -16.90 -5.61
CA ASN B 139 0.79 -17.77 -4.44
C ASN B 139 2.05 -17.48 -3.63
N LEU B 140 3.14 -17.19 -4.32
CA LEU B 140 4.40 -16.93 -3.65
C LEU B 140 4.36 -15.66 -2.83
N ARG B 142 1.61 -14.14 -1.68
CA ARG B 142 0.63 -14.28 -0.63
C ARG B 142 1.31 -15.01 0.54
N ARG B 143 2.29 -15.85 0.22
CA ARG B 143 3.02 -16.61 1.23
C ARG B 143 3.97 -15.71 2.01
N CYS B 144 4.59 -14.76 1.30
CA CYS B 144 5.49 -13.82 1.93
C CYS B 144 4.68 -12.85 2.76
N ASP B 145 3.53 -12.47 2.24
CA ASP B 145 2.65 -11.55 2.92
C ASP B 145 2.14 -12.14 4.22
N LEU B 146 1.82 -13.43 4.19
CA LEU B 146 1.32 -14.12 5.37
C LEU B 146 2.45 -14.20 6.40
N ALA B 147 3.66 -14.51 5.93
CA ALA B 147 4.81 -14.61 6.83
C ALA B 147 5.05 -13.26 7.52
N LEU B 148 4.82 -12.19 6.76
CA LEU B 148 5.01 -10.84 7.24
C LEU B 148 3.93 -10.51 8.27
N ILE B 149 2.71 -11.00 8.04
CA ILE B 149 1.63 -10.75 8.99
C ILE B 149 2.01 -11.42 10.31
N LYS B 150 2.46 -12.67 10.23
CA LYS B 150 2.87 -13.39 11.43
C LYS B 150 4.00 -12.66 12.16
N ALA B 151 4.96 -12.12 11.40
CA ALA B 151 6.10 -11.43 12.01
C ALA B 151 5.66 -10.21 12.81
N LYS B 152 4.79 -9.41 12.22
CA LYS B 152 4.30 -8.21 12.87
C LYS B 152 3.47 -8.57 14.11
N GLU B 153 2.72 -9.66 14.04
CA GLU B 153 1.91 -10.10 15.20
C GLU B 153 2.86 -10.42 16.33
N GLU B 154 4.06 -10.85 15.96
CA GLU B 154 5.08 -11.20 16.93
C GLU B 154 5.60 -9.95 17.63
N GLY B 155 6.03 -8.97 16.84
CA GLY B 155 6.54 -7.73 17.40
C GLY B 155 7.42 -6.98 16.41
N LEU B 156 7.86 -5.78 16.80
CA LEU B 156 8.70 -4.97 15.92
C LEU B 156 10.05 -5.64 15.63
N ASN B 157 10.53 -5.47 14.40
CA ASN B 157 11.82 -6.02 14.01
C ASN B 157 11.91 -7.53 14.06
N GLU B 158 10.77 -8.19 13.97
CA GLU B 158 10.74 -9.63 14.01
C GLU B 158 10.56 -10.13 12.58
N TYR B 159 11.07 -11.32 12.28
CA TYR B 159 10.91 -11.89 10.94
C TYR B 159 10.43 -13.34 11.03
N VAL B 160 9.89 -13.84 9.92
CA VAL B 160 9.38 -15.20 9.83
C VAL B 160 9.67 -15.75 8.43
N ILE B 161 10.23 -16.96 8.37
CA ILE B 161 10.55 -17.63 7.11
C ILE B 161 9.56 -18.76 6.88
N PHE B 162 9.15 -18.95 5.63
CA PHE B 162 8.23 -20.04 5.31
C PHE B 162 8.95 -21.08 4.44
N LYS B 163 8.94 -22.32 4.90
CA LYS B 163 9.58 -23.40 4.15
C LYS B 163 8.64 -24.58 4.01
N PRO B 164 8.57 -25.14 2.80
CA PRO B 164 7.70 -26.30 2.55
C PRO B 164 8.20 -27.53 3.32
N ILE B 166 2.76 -25.27 3.91
CA ILE B 166 3.95 -24.55 4.34
C ILE B 166 4.13 -24.60 5.86
N GLU B 167 5.29 -24.13 6.32
CA GLU B 167 5.60 -24.11 7.74
C GLU B 167 6.53 -22.95 8.08
N ILE B 168 6.38 -22.44 9.30
CA ILE B 168 7.20 -21.34 9.79
C ILE B 168 8.61 -21.81 10.21
N GLN B 169 9.62 -21.18 9.62
CA GLN B 169 11.02 -21.52 9.91
C GLN B 169 11.65 -20.50 10.86
#